data_9KTT
#
_entry.id   9KTT
#
loop_
_entity.id
_entity.type
_entity.pdbx_description
1 polymer 'Sodium- and chloride-dependent taurine transporter'
2 non-polymer '2-AMINOETHANESULFONIC ACID'
3 non-polymer 'CHLORIDE ION'
4 non-polymer 'SODIUM ION'
5 water water
#
_entity_poly.entity_id   1
_entity_poly.type   'polypeptide(L)'
_entity_poly.pdbx_seq_one_letter_code
;MATKEKLQCLKDFHKDILKPSPGKSPGTRPEDEAEGKPPQREKWSSKIDFVLSVAGGFVGLGNVWRFPYLCYKNGGGAFL
IPYFIFLFGSGLPVFFLEIIIGQYTSEGGITCWEKICPLFSGIGYASVVIVSLLNVYYIVILAWATYYLFQSFQKELPWA
HCNHSWNTPHCMEDTMRKNKSVWITISSTNFTSPVIEFWERNVLSLSPGIDHPGSLKWDLALCLLLVWLVCFFCIWKGVR
STGKVVYFTATFPFAMLLVLLVRGLTLPGAGAGIKFYLYPDITRLEDPQVWIDAGTQIFFSYAICLGAMTSLGSYNKYKY
NSYRDCMLLGCLNSGTSFVSGFAIFSILGFMAQEQGVDIADVAESGPGLAFIAYPKAVTMMPLPTFWSILFFIMLLLLGL
DSQFVEVEGQITSLVDLYPSFLRKGYRREIFIAFVCSISYLLGLTMVTEGGMYVFQLFDYYAASGVCLLWVAFFECFVIA
WIYGGDNLYDGIEDMIGYRPGPWMKYSWAVITPVLCVGCFIFSLVKYVPLTYNKTYVYPNWAIGLGWSLALSSMLCVPLV
IVIRLCQTEGPFLVRVKYLLTPREPNRWAVEREGATPYNSRTVMNGALVKPTHIIVETMM
;
_entity_poly.pdbx_strand_id   A
#
loop_
_chem_comp.id
_chem_comp.type
_chem_comp.name
_chem_comp.formula
CL non-polymer 'CHLORIDE ION' 'Cl -1'
NA non-polymer 'SODIUM ION' 'Na 1'
TAU non-polymer '2-AMINOETHANESULFONIC ACID' 'C2 H7 N O3 S'
#
# COMPACT_ATOMS: atom_id res chain seq x y z
N GLN A 40 -7.87 28.99 2.67
CA GLN A 40 -7.27 28.91 3.99
C GLN A 40 -6.33 27.72 4.09
N ARG A 41 -6.13 27.04 2.96
CA ARG A 41 -5.28 25.85 2.93
C ARG A 41 -3.83 26.23 3.21
N GLU A 42 -3.14 25.36 3.95
CA GLU A 42 -1.74 25.60 4.27
C GLU A 42 -0.87 25.37 3.05
N LYS A 43 0.35 25.90 3.11
CA LYS A 43 1.35 25.73 2.06
C LYS A 43 2.62 25.14 2.64
N TRP A 44 3.31 24.32 1.85
CA TRP A 44 4.58 23.76 2.29
C TRP A 44 5.63 24.86 2.38
N SER A 45 6.82 24.48 2.83
CA SER A 45 7.96 25.38 2.93
C SER A 45 9.08 24.87 2.06
N SER A 46 9.63 25.75 1.21
CA SER A 46 10.81 25.48 0.41
C SER A 46 10.61 24.35 -0.60
N LYS A 47 9.39 23.81 -0.67
CA LYS A 47 9.03 22.79 -1.65
C LYS A 47 9.77 21.48 -1.42
N ILE A 48 10.63 21.44 -0.40
CA ILE A 48 11.34 20.21 -0.07
C ILE A 48 10.51 19.36 0.87
N ASP A 49 9.71 19.99 1.73
CA ASP A 49 8.86 19.24 2.65
C ASP A 49 7.86 18.39 1.88
N PHE A 50 7.28 18.92 0.80
CA PHE A 50 6.34 18.15 0.00
C PHE A 50 7.02 16.93 -0.61
N VAL A 51 8.21 17.11 -1.16
CA VAL A 51 8.91 16.00 -1.81
C VAL A 51 9.24 14.93 -0.77
N LEU A 52 9.76 15.34 0.39
CA LEU A 52 10.08 14.37 1.43
C LEU A 52 8.83 13.64 1.90
N SER A 53 7.73 14.37 2.08
CA SER A 53 6.48 13.75 2.54
C SER A 53 5.97 12.74 1.53
N VAL A 54 5.99 13.09 0.24
CA VAL A 54 5.53 12.16 -0.78
C VAL A 54 6.40 10.92 -0.80
N ALA A 55 7.73 11.11 -0.81
CA ALA A 55 8.65 9.99 -0.90
C ALA A 55 8.48 9.06 0.30
N GLY A 56 8.34 9.61 1.50
CA GLY A 56 8.10 8.78 2.66
C GLY A 56 6.72 8.20 2.72
N GLY A 57 5.76 8.78 2.01
CA GLY A 57 4.39 8.31 2.06
C GLY A 57 4.05 7.20 1.08
N PHE A 58 4.71 7.16 -0.08
CA PHE A 58 4.40 6.11 -1.03
C PHE A 58 5.54 5.13 -1.28
N VAL A 59 6.56 5.10 -0.42
CA VAL A 59 7.52 3.98 -0.36
C VAL A 59 7.49 3.43 1.04
N GLY A 60 7.63 2.11 1.17
CA GLY A 60 7.56 1.48 2.47
C GLY A 60 7.30 -0.01 2.41
N LEU A 61 6.31 -0.48 3.18
CA LEU A 61 6.03 -1.91 3.21
C LEU A 61 5.47 -2.39 1.88
N GLY A 62 4.90 -1.50 1.08
CA GLY A 62 4.42 -1.88 -0.24
C GLY A 62 5.53 -2.15 -1.23
N ASN A 63 6.76 -1.77 -0.92
CA ASN A 63 7.92 -2.00 -1.78
C ASN A 63 8.82 -3.10 -1.28
N VAL A 64 9.05 -3.18 0.04
CA VAL A 64 9.97 -4.16 0.59
C VAL A 64 9.27 -5.40 1.12
N TRP A 65 7.96 -5.34 1.37
CA TRP A 65 7.23 -6.48 1.91
C TRP A 65 6.19 -7.01 0.94
N ARG A 66 5.28 -6.16 0.45
CA ARG A 66 4.16 -6.66 -0.36
C ARG A 66 4.62 -7.05 -1.76
N PHE A 67 5.47 -6.24 -2.38
CA PHE A 67 5.92 -6.55 -3.75
C PHE A 67 6.66 -7.88 -3.84
N PRO A 68 7.66 -8.17 -2.99
CA PRO A 68 8.32 -9.48 -3.11
C PRO A 68 7.38 -10.65 -2.87
N TYR A 69 6.43 -10.52 -1.94
CA TYR A 69 5.54 -11.64 -1.65
C TYR A 69 4.54 -11.85 -2.78
N LEU A 70 4.08 -10.76 -3.41
CA LEU A 70 3.20 -10.90 -4.56
C LEU A 70 3.95 -11.45 -5.77
N CYS A 71 5.19 -11.04 -5.96
CA CYS A 71 5.98 -11.58 -7.07
C CYS A 71 6.27 -13.07 -6.86
N TYR A 72 6.58 -13.46 -5.63
CA TYR A 72 6.85 -14.86 -5.32
C TYR A 72 5.59 -15.71 -5.39
N LYS A 73 4.43 -15.12 -5.06
CA LYS A 73 3.18 -15.86 -5.11
C LYS A 73 2.75 -16.14 -6.55
N ASN A 74 3.03 -15.21 -7.46
CA ASN A 74 2.56 -15.29 -8.84
C ASN A 74 3.54 -15.96 -9.78
N GLY A 75 4.64 -16.51 -9.27
CA GLY A 75 5.58 -17.23 -10.09
C GLY A 75 6.86 -16.48 -10.42
N GLY A 76 6.96 -15.21 -10.05
CA GLY A 76 8.20 -14.48 -10.25
C GLY A 76 8.21 -13.57 -11.45
N GLY A 77 8.90 -13.99 -12.51
CA GLY A 77 9.05 -13.14 -13.68
C GLY A 77 7.74 -12.81 -14.36
N ALA A 78 6.76 -13.72 -14.30
CA ALA A 78 5.46 -13.46 -14.90
C ALA A 78 4.74 -12.29 -14.25
N PHE A 79 5.10 -11.93 -13.02
CA PHE A 79 4.49 -10.79 -12.34
C PHE A 79 5.00 -9.46 -12.87
N LEU A 80 6.21 -9.44 -13.44
CA LEU A 80 6.82 -8.16 -13.81
C LEU A 80 6.17 -7.53 -15.04
N ILE A 81 5.78 -8.32 -16.04
CA ILE A 81 5.22 -7.74 -17.26
C ILE A 81 3.93 -6.99 -17.00
N PRO A 82 2.92 -7.54 -16.32
CA PRO A 82 1.77 -6.72 -15.93
C PRO A 82 2.14 -5.59 -14.99
N TYR A 83 3.14 -5.78 -14.14
CA TYR A 83 3.60 -4.71 -13.27
C TYR A 83 4.03 -3.49 -14.09
N PHE A 84 4.89 -3.70 -15.08
CA PHE A 84 5.32 -2.60 -15.94
C PHE A 84 4.21 -2.06 -16.82
N ILE A 85 3.32 -2.92 -17.30
CA ILE A 85 2.20 -2.46 -18.11
C ILE A 85 1.32 -1.50 -17.32
N PHE A 86 1.01 -1.85 -16.07
CA PHE A 86 0.25 -0.97 -15.18
C PHE A 86 1.09 0.17 -14.62
N LEU A 87 2.41 0.09 -14.71
CA LEU A 87 3.28 1.14 -14.20
C LEU A 87 3.51 2.28 -15.18
N PHE A 88 3.62 1.98 -16.47
CA PHE A 88 3.86 3.03 -17.46
C PHE A 88 2.60 3.47 -18.19
N GLY A 89 1.54 2.68 -18.15
CA GLY A 89 0.29 3.09 -18.77
C GLY A 89 -0.71 3.61 -17.75
N SER A 90 -0.37 3.43 -16.48
CA SER A 90 -1.21 3.86 -15.37
C SER A 90 -0.32 3.95 -14.14
N GLY A 91 -0.93 4.17 -12.98
CA GLY A 91 -0.15 4.28 -11.76
C GLY A 91 0.58 5.60 -11.67
N LEU A 92 1.59 5.79 -12.54
CA LEU A 92 2.22 7.10 -12.63
C LEU A 92 1.26 8.18 -13.13
N PRO A 93 0.54 7.99 -14.24
CA PRO A 93 -0.45 9.02 -14.63
C PRO A 93 -1.53 9.24 -13.58
N VAL A 94 -1.99 8.20 -12.90
CA VAL A 94 -3.01 8.40 -11.89
C VAL A 94 -2.44 9.13 -10.68
N PHE A 95 -1.20 8.83 -10.31
CA PHE A 95 -0.54 9.54 -9.22
C PHE A 95 -0.39 11.02 -9.55
N PHE A 96 0.05 11.32 -10.77
CA PHE A 96 0.15 12.72 -11.18
C PHE A 96 -1.22 13.38 -11.25
N LEU A 97 -2.24 12.65 -11.67
CA LEU A 97 -3.59 13.19 -11.69
C LEU A 97 -4.07 13.55 -10.29
N GLU A 98 -3.82 12.68 -9.32
CA GLU A 98 -4.21 12.98 -7.95
C GLU A 98 -3.47 14.19 -7.41
N ILE A 99 -2.16 14.27 -7.67
CA ILE A 99 -1.39 15.42 -7.21
C ILE A 99 -1.91 16.70 -7.84
N ILE A 100 -2.20 16.66 -9.15
CA ILE A 100 -2.67 17.85 -9.84
C ILE A 100 -4.06 18.26 -9.35
N ILE A 101 -4.93 17.29 -9.09
CA ILE A 101 -6.25 17.62 -8.56
C ILE A 101 -6.12 18.30 -7.21
N GLY A 102 -5.26 17.75 -6.34
CA GLY A 102 -5.04 18.38 -5.04
C GLY A 102 -4.48 19.78 -5.16
N GLN A 103 -3.48 19.98 -6.01
CA GLN A 103 -2.85 21.28 -6.13
C GLN A 103 -3.79 22.30 -6.77
N TYR A 104 -4.51 21.90 -7.81
CA TYR A 104 -5.40 22.81 -8.53
C TYR A 104 -6.59 23.21 -7.67
N THR A 105 -7.25 22.23 -7.06
CA THR A 105 -8.44 22.53 -6.25
C THR A 105 -8.09 23.15 -4.91
N SER A 106 -6.86 22.95 -4.42
CA SER A 106 -6.46 23.37 -3.07
C SER A 106 -7.42 22.79 -2.03
N GLU A 107 -7.82 21.54 -2.26
CA GLU A 107 -8.76 20.83 -1.38
C GLU A 107 -8.22 19.44 -1.11
N GLY A 108 -8.74 18.83 -0.04
CA GLY A 108 -8.26 17.53 0.39
C GLY A 108 -8.75 16.39 -0.48
N GLY A 109 -8.99 15.24 0.14
CA GLY A 109 -9.37 14.06 -0.61
C GLY A 109 -10.84 13.97 -0.95
N ILE A 110 -11.67 14.79 -0.31
CA ILE A 110 -13.11 14.76 -0.49
C ILE A 110 -13.61 15.99 -1.24
N THR A 111 -13.25 17.18 -0.77
CA THR A 111 -13.77 18.40 -1.38
C THR A 111 -13.25 18.58 -2.81
N CYS A 112 -12.12 17.96 -3.13
CA CYS A 112 -11.56 18.10 -4.48
C CYS A 112 -12.53 17.55 -5.52
N TRP A 113 -13.11 16.38 -5.25
CA TRP A 113 -14.08 15.81 -6.19
C TRP A 113 -15.40 16.55 -6.16
N GLU A 114 -15.73 17.16 -5.02
CA GLU A 114 -16.92 18.02 -4.97
C GLU A 114 -16.76 19.21 -5.91
N LYS A 115 -15.57 19.81 -5.95
CA LYS A 115 -15.34 20.91 -6.86
C LYS A 115 -15.24 20.44 -8.31
N ILE A 116 -14.51 19.34 -8.55
CA ILE A 116 -14.27 18.89 -9.92
C ILE A 116 -15.55 18.41 -10.56
N CYS A 117 -16.30 17.54 -9.87
CA CYS A 117 -17.54 16.98 -10.39
C CYS A 117 -18.41 16.57 -9.23
N PRO A 118 -19.39 17.40 -8.85
CA PRO A 118 -20.19 17.12 -7.66
C PRO A 118 -20.92 15.77 -7.69
N LEU A 119 -21.42 15.39 -8.86
CA LEU A 119 -22.22 14.17 -8.97
C LEU A 119 -21.40 12.94 -8.57
N PHE A 120 -20.12 12.92 -8.93
CA PHE A 120 -19.23 11.82 -8.58
C PHE A 120 -18.39 12.14 -7.35
N SER A 121 -18.82 13.12 -6.55
CA SER A 121 -18.09 13.48 -5.33
C SER A 121 -17.87 12.29 -4.41
N GLY A 122 -18.78 11.30 -4.44
CA GLY A 122 -18.63 10.13 -3.61
C GLY A 122 -17.37 9.35 -3.86
N ILE A 123 -16.75 9.53 -5.03
CA ILE A 123 -15.43 8.94 -5.25
C ILE A 123 -14.51 9.26 -4.09
N GLY A 124 -14.46 10.54 -3.70
CA GLY A 124 -13.63 10.90 -2.55
C GLY A 124 -14.00 10.13 -1.31
N TYR A 125 -15.31 10.03 -1.02
CA TYR A 125 -15.75 9.22 0.11
C TYR A 125 -15.21 7.81 0.02
N ALA A 126 -15.33 7.19 -1.17
CA ALA A 126 -14.80 5.84 -1.34
C ALA A 126 -13.33 5.79 -0.95
N SER A 127 -12.55 6.75 -1.42
CA SER A 127 -11.13 6.78 -1.08
C SER A 127 -10.94 6.75 0.42
N VAL A 128 -11.68 7.59 1.14
CA VAL A 128 -11.56 7.63 2.60
C VAL A 128 -11.81 6.24 3.17
N VAL A 129 -12.89 5.59 2.74
CA VAL A 129 -13.18 4.26 3.27
C VAL A 129 -11.98 3.35 3.06
N ILE A 130 -11.41 3.38 1.85
CA ILE A 130 -10.27 2.53 1.57
C ILE A 130 -9.15 2.81 2.57
N VAL A 131 -8.79 4.09 2.73
CA VAL A 131 -7.65 4.37 3.60
C VAL A 131 -7.99 3.97 5.03
N SER A 132 -9.25 4.11 5.43
CA SER A 132 -9.64 3.68 6.76
C SER A 132 -9.31 2.20 6.94
N LEU A 133 -9.73 1.37 5.99
CA LEU A 133 -9.41 -0.05 6.07
C LEU A 133 -7.90 -0.26 6.02
N LEU A 134 -7.20 0.52 5.20
CA LEU A 134 -5.76 0.38 5.13
C LEU A 134 -5.11 0.73 6.46
N ASN A 135 -5.73 1.66 7.21
CA ASN A 135 -5.14 2.02 8.50
C ASN A 135 -5.33 0.90 9.52
N VAL A 136 -6.15 -0.09 9.21
CA VAL A 136 -6.42 -1.15 10.18
C VAL A 136 -5.35 -2.23 10.11
N TYR A 137 -5.06 -2.72 8.91
CA TYR A 137 -4.19 -3.89 8.76
C TYR A 137 -2.75 -3.52 8.39
N TYR A 138 -2.53 -2.37 7.74
CA TYR A 138 -1.17 -2.00 7.35
C TYR A 138 -0.26 -1.77 8.56
N ILE A 139 -0.82 -1.37 9.70
CA ILE A 139 -0.01 -1.18 10.90
C ILE A 139 0.26 -2.49 11.63
N VAL A 140 -0.58 -3.51 11.42
CA VAL A 140 -0.37 -4.80 12.07
C VAL A 140 1.02 -5.33 11.71
N ILE A 141 1.43 -5.15 10.45
CA ILE A 141 2.75 -5.58 10.03
C ILE A 141 3.82 -4.98 10.93
N LEU A 142 3.71 -3.69 11.23
CA LEU A 142 4.67 -3.04 12.11
C LEU A 142 4.73 -3.73 13.46
N ALA A 143 3.57 -4.12 14.00
CA ALA A 143 3.57 -4.90 15.23
C ALA A 143 4.47 -6.12 15.10
N TRP A 144 4.28 -6.91 14.05
CA TRP A 144 5.17 -8.03 13.79
C TRP A 144 6.62 -7.57 13.79
N ALA A 145 6.92 -6.52 13.01
CA ALA A 145 8.27 -5.97 13.00
C ALA A 145 8.74 -5.64 14.40
N THR A 146 7.89 -4.94 15.17
CA THR A 146 8.25 -4.61 16.54
C THR A 146 8.58 -5.86 17.32
N TYR A 147 7.73 -6.89 17.21
CA TYR A 147 8.00 -8.13 17.91
C TYR A 147 9.36 -8.69 17.49
N TYR A 148 9.64 -8.70 16.19
CA TYR A 148 10.93 -9.20 15.73
C TYR A 148 12.07 -8.38 16.33
N LEU A 149 11.90 -7.06 16.41
CA LEU A 149 12.92 -6.24 17.04
C LEU A 149 13.09 -6.63 18.51
N PHE A 150 11.97 -6.86 19.21
CA PHE A 150 12.06 -7.25 20.60
C PHE A 150 12.63 -8.66 20.76
N GLN A 151 12.71 -9.41 19.65
CA GLN A 151 13.35 -10.72 19.70
C GLN A 151 14.83 -10.65 19.36
N SER A 152 15.30 -9.53 18.83
CA SER A 152 16.70 -9.44 18.42
C SER A 152 17.62 -8.99 19.55
N PHE A 153 17.07 -8.55 20.68
CA PHE A 153 17.91 -8.01 21.75
C PHE A 153 18.70 -9.07 22.49
N GLN A 154 18.44 -10.36 22.23
CA GLN A 154 19.20 -11.42 22.86
C GLN A 154 20.48 -11.71 22.08
N LYS A 155 21.39 -12.46 22.71
CA LYS A 155 22.68 -12.73 22.10
C LYS A 155 22.55 -13.55 20.82
N GLU A 156 21.73 -14.59 20.85
CA GLU A 156 21.51 -15.44 19.69
C GLU A 156 20.10 -15.21 19.14
N LEU A 157 20.01 -14.99 17.84
CA LEU A 157 18.71 -14.75 17.23
C LEU A 157 17.84 -15.98 17.38
N PRO A 158 16.58 -15.84 17.82
CA PRO A 158 15.75 -17.02 18.09
C PRO A 158 15.42 -17.83 16.85
N TRP A 159 15.52 -17.26 15.66
CA TRP A 159 15.14 -17.96 14.42
C TRP A 159 16.35 -18.57 13.71
N ALA A 160 17.36 -19.01 14.47
CA ALA A 160 18.55 -19.60 13.89
C ALA A 160 18.80 -21.03 14.36
N HIS A 161 17.94 -21.59 15.20
CA HIS A 161 18.12 -22.95 15.69
C HIS A 161 16.77 -23.61 15.88
N CYS A 162 16.77 -24.95 15.88
CA CYS A 162 15.57 -25.74 16.06
C CYS A 162 15.41 -26.28 17.47
N ASN A 163 16.29 -25.90 18.39
CA ASN A 163 16.27 -26.43 19.75
C ASN A 163 15.38 -25.63 20.69
N HIS A 164 14.68 -24.62 20.18
CA HIS A 164 13.79 -23.82 21.01
C HIS A 164 12.54 -24.62 21.37
N SER A 165 11.82 -24.13 22.38
CA SER A 165 10.66 -24.84 22.89
C SER A 165 9.55 -24.93 21.85
N TRP A 166 9.31 -23.85 21.11
CA TRP A 166 8.19 -23.81 20.17
C TRP A 166 8.42 -24.67 18.94
N ASN A 167 9.63 -25.14 18.68
CA ASN A 167 9.91 -25.90 17.48
C ASN A 167 9.31 -27.30 17.56
N THR A 168 8.76 -27.76 16.43
CA THR A 168 8.23 -29.09 16.27
C THR A 168 9.38 -30.09 16.04
N PRO A 169 9.14 -31.38 16.26
CA PRO A 169 10.19 -32.36 15.99
C PRO A 169 10.65 -32.37 14.53
N HIS A 170 9.80 -31.95 13.60
CA HIS A 170 10.19 -31.90 12.20
C HIS A 170 11.20 -30.79 11.90
N CYS A 171 11.41 -29.87 12.83
CA CYS A 171 12.37 -28.78 12.62
C CYS A 171 13.77 -29.36 12.50
N MET A 172 14.50 -28.95 11.45
CA MET A 172 15.90 -29.33 11.28
C MET A 172 16.66 -28.14 10.72
N GLU A 173 17.92 -28.02 11.10
CA GLU A 173 18.74 -26.93 10.61
C GLU A 173 18.95 -27.06 9.10
N ASP A 174 18.97 -25.91 8.42
CA ASP A 174 19.03 -25.92 6.95
C ASP A 174 20.32 -26.53 6.45
N THR A 175 21.42 -26.32 7.16
CA THR A 175 22.70 -26.87 6.75
C THR A 175 22.66 -28.40 6.71
N MET A 176 22.05 -29.00 7.74
CA MET A 176 21.91 -30.45 7.76
C MET A 176 20.67 -30.94 7.02
N ARG A 177 19.78 -30.03 6.62
CA ARG A 177 18.53 -30.44 5.98
C ARG A 177 18.78 -31.09 4.64
N LYS A 178 19.73 -30.56 3.87
CA LYS A 178 20.04 -31.15 2.56
C LYS A 178 20.57 -32.57 2.72
N ASN A 179 21.45 -32.79 3.69
CA ASN A 179 22.02 -34.12 3.91
C ASN A 179 20.96 -35.06 4.48
N LYS A 180 20.90 -36.27 3.93
CA LYS A 180 19.96 -37.29 4.37
C LYS A 180 18.52 -36.79 4.33
N SER A 188 5.42 -38.71 4.10
CA SER A 188 5.66 -39.29 5.41
C SER A 188 6.96 -38.78 6.01
N THR A 189 7.67 -37.94 5.25
CA THR A 189 8.94 -37.36 5.70
C THR A 189 9.00 -35.93 5.21
N ASN A 190 8.84 -34.98 6.13
CA ASN A 190 8.89 -33.56 5.80
C ASN A 190 9.52 -32.80 6.95
N PHE A 191 10.31 -31.79 6.61
CA PHE A 191 11.00 -30.95 7.57
C PHE A 191 10.55 -29.51 7.42
N THR A 192 10.74 -28.73 8.48
CA THR A 192 10.39 -27.32 8.50
C THR A 192 11.61 -26.51 8.90
N SER A 193 11.90 -25.46 8.15
CA SER A 193 13.06 -24.64 8.44
C SER A 193 12.85 -23.89 9.74
N PRO A 194 13.91 -23.68 10.54
CA PRO A 194 13.74 -22.96 11.82
C PRO A 194 13.23 -21.54 11.65
N VAL A 195 13.55 -20.86 10.55
CA VAL A 195 13.02 -19.52 10.33
C VAL A 195 11.51 -19.56 10.17
N ILE A 196 11.02 -20.49 9.34
CA ILE A 196 9.58 -20.64 9.17
C ILE A 196 8.93 -21.11 10.46
N GLU A 197 9.62 -21.98 11.21
CA GLU A 197 9.10 -22.41 12.50
C GLU A 197 8.92 -21.23 13.45
N PHE A 198 9.91 -20.34 13.52
CA PHE A 198 9.78 -19.17 14.37
C PHE A 198 8.67 -18.25 13.88
N TRP A 199 8.55 -18.09 12.56
CA TRP A 199 7.53 -17.21 12.01
C TRP A 199 6.13 -17.72 12.31
N GLU A 200 5.92 -19.04 12.22
CA GLU A 200 4.58 -19.59 12.40
C GLU A 200 4.25 -19.83 13.86
N ARG A 201 5.10 -20.58 14.57
CA ARG A 201 4.79 -20.98 15.94
C ARG A 201 4.93 -19.84 16.93
N ASN A 202 6.00 -19.05 16.83
CA ASN A 202 6.30 -18.05 17.85
C ASN A 202 5.64 -16.70 17.58
N VAL A 203 5.80 -16.17 16.36
CA VAL A 203 5.28 -14.84 16.07
C VAL A 203 3.77 -14.91 15.80
N LEU A 204 3.38 -15.65 14.77
CA LEU A 204 1.96 -15.74 14.42
C LEU A 204 1.19 -16.60 15.40
N SER A 205 1.78 -17.69 15.89
CA SER A 205 1.05 -18.72 16.63
C SER A 205 -0.17 -19.19 15.84
N LEU A 206 0.09 -19.63 14.61
CA LEU A 206 -0.97 -19.85 13.64
C LEU A 206 -1.94 -20.94 14.11
N SER A 207 -3.21 -20.75 13.79
CA SER A 207 -4.30 -21.63 14.14
C SER A 207 -4.69 -22.50 12.96
N PRO A 208 -5.51 -23.54 13.19
CA PRO A 208 -5.96 -24.39 12.08
C PRO A 208 -6.68 -23.63 10.98
N GLY A 209 -7.35 -22.54 11.34
CA GLY A 209 -8.03 -21.74 10.34
C GLY A 209 -8.65 -20.51 10.95
N ILE A 210 -9.25 -19.70 10.08
CA ILE A 210 -9.94 -18.48 10.53
C ILE A 210 -11.15 -18.83 11.38
N ASP A 211 -11.64 -20.06 11.29
CA ASP A 211 -12.72 -20.50 12.17
C ASP A 211 -12.29 -20.49 13.63
N HIS A 212 -11.00 -20.74 13.88
CA HIS A 212 -10.46 -20.77 15.24
C HIS A 212 -9.59 -19.55 15.45
N PRO A 213 -10.06 -18.53 16.16
CA PRO A 213 -9.21 -17.36 16.42
C PRO A 213 -8.32 -17.55 17.65
N GLY A 214 -8.70 -18.48 18.53
CA GLY A 214 -7.93 -18.67 19.74
C GLY A 214 -8.07 -17.48 20.68
N SER A 215 -7.01 -17.23 21.43
CA SER A 215 -6.95 -16.09 22.33
C SER A 215 -6.19 -14.95 21.67
N LEU A 216 -6.10 -13.82 22.37
CA LEU A 216 -5.37 -12.66 21.89
C LEU A 216 -3.91 -12.79 22.29
N LYS A 217 -3.01 -12.70 21.30
CA LYS A 217 -1.59 -12.70 21.59
C LYS A 217 -1.22 -11.44 22.37
N TRP A 218 -0.90 -11.60 23.66
CA TRP A 218 -0.63 -10.44 24.49
C TRP A 218 0.59 -9.66 23.99
N ASP A 219 1.64 -10.38 23.57
CA ASP A 219 2.84 -9.71 23.10
C ASP A 219 2.57 -8.91 21.82
N LEU A 220 1.90 -9.54 20.85
CA LEU A 220 1.59 -8.83 19.61
C LEU A 220 0.60 -7.71 19.83
N ALA A 221 -0.39 -7.90 20.72
CA ALA A 221 -1.32 -6.83 21.02
C ALA A 221 -0.61 -5.65 21.67
N LEU A 222 0.34 -5.92 22.58
CA LEU A 222 1.10 -4.85 23.19
C LEU A 222 1.97 -4.13 22.17
N CYS A 223 2.56 -4.88 21.23
CA CYS A 223 3.37 -4.26 20.18
C CYS A 223 2.50 -3.36 19.30
N LEU A 224 1.32 -3.83 18.92
CA LEU A 224 0.40 -3.03 18.12
C LEU A 224 -0.04 -1.78 18.87
N LEU A 225 -0.31 -1.91 20.16
CA LEU A 225 -0.67 -0.76 20.98
C LEU A 225 0.46 0.25 21.05
N LEU A 226 1.70 -0.24 21.19
CA LEU A 226 2.85 0.67 21.23
C LEU A 226 3.00 1.41 19.91
N VAL A 227 2.84 0.71 18.79
CA VAL A 227 2.98 1.36 17.49
C VAL A 227 1.87 2.38 17.28
N TRP A 228 0.65 2.06 17.70
CA TRP A 228 -0.44 3.03 17.60
C TRP A 228 -0.21 4.24 18.47
N LEU A 229 0.33 4.03 19.68
CA LEU A 229 0.67 5.16 20.54
C LEU A 229 1.74 6.04 19.89
N VAL A 230 2.74 5.43 19.27
CA VAL A 230 3.78 6.20 18.58
C VAL A 230 3.15 7.03 17.46
N CYS A 231 2.30 6.40 16.65
CA CYS A 231 1.67 7.12 15.54
C CYS A 231 0.81 8.26 16.05
N PHE A 232 0.01 8.02 17.08
CA PHE A 232 -0.88 9.04 17.61
C PHE A 232 -0.10 10.21 18.19
N PHE A 233 0.97 9.91 18.92
CA PHE A 233 1.76 10.99 19.52
C PHE A 233 2.49 11.79 18.44
N CYS A 234 2.96 11.12 17.40
CA CYS A 234 3.65 11.83 16.32
C CYS A 234 2.70 12.73 15.55
N ILE A 235 1.53 12.20 15.18
CA ILE A 235 0.59 12.98 14.37
C ILE A 235 -0.04 14.10 15.19
N TRP A 236 -0.46 13.78 16.41
CA TRP A 236 -1.15 14.77 17.24
C TRP A 236 -0.25 15.94 17.60
N LYS A 237 0.98 15.65 18.01
CA LYS A 237 1.94 16.69 18.41
C LYS A 237 3.25 16.42 17.69
N GLY A 238 3.38 16.99 16.49
CA GLY A 238 4.58 16.81 15.69
C GLY A 238 4.30 16.70 14.21
N GLY A 243 13.68 19.88 9.64
CA GLY A 243 14.72 19.48 10.58
C GLY A 243 15.67 18.46 9.99
N LYS A 244 16.92 18.50 10.46
CA LYS A 244 17.92 17.56 9.96
C LYS A 244 17.69 16.13 10.43
N VAL A 245 16.80 15.94 11.41
CA VAL A 245 16.50 14.60 11.89
C VAL A 245 15.86 13.77 10.77
N VAL A 246 14.90 14.37 10.05
CA VAL A 246 14.19 13.64 9.00
C VAL A 246 15.09 13.36 7.82
N TYR A 247 16.22 14.05 7.70
CA TYR A 247 17.15 13.78 6.61
C TYR A 247 17.83 12.42 6.74
N PHE A 248 17.79 11.80 7.91
CA PHE A 248 18.35 10.47 8.11
C PHE A 248 17.28 9.40 8.28
N THR A 249 16.01 9.77 8.33
CA THR A 249 14.91 8.81 8.39
C THR A 249 14.41 8.40 7.02
N ALA A 250 14.90 9.04 5.95
CA ALA A 250 14.60 8.64 4.59
C ALA A 250 15.85 8.23 3.83
N THR A 251 17.01 8.26 4.47
CA THR A 251 18.28 7.85 3.88
C THR A 251 18.77 6.51 4.42
N PHE A 252 18.63 6.28 5.72
CA PHE A 252 19.04 5.00 6.30
C PHE A 252 18.29 3.81 5.70
N PRO A 253 16.96 3.87 5.45
CA PRO A 253 16.30 2.72 4.81
C PRO A 253 16.94 2.34 3.49
N PHE A 254 17.32 3.34 2.69
CA PHE A 254 17.98 3.05 1.42
C PHE A 254 19.36 2.44 1.64
N ALA A 255 20.06 2.88 2.69
CA ALA A 255 21.36 2.28 3.01
C ALA A 255 21.22 0.81 3.38
N MET A 256 20.22 0.49 4.19
CA MET A 256 19.98 -0.90 4.55
C MET A 256 19.54 -1.72 3.36
N LEU A 257 18.77 -1.11 2.45
CA LEU A 257 18.41 -1.79 1.22
C LEU A 257 19.64 -2.09 0.40
N LEU A 258 20.59 -1.16 0.35
CA LEU A 258 21.84 -1.40 -0.37
C LEU A 258 22.63 -2.53 0.27
N VAL A 259 22.66 -2.56 1.60
CA VAL A 259 23.38 -3.64 2.30
C VAL A 259 22.75 -4.99 1.99
N LEU A 260 21.42 -5.06 2.03
CA LEU A 260 20.71 -6.29 1.70
C LEU A 260 20.97 -6.70 0.26
N LEU A 261 20.98 -5.73 -0.66
CA LEU A 261 21.31 -6.01 -2.05
C LEU A 261 22.69 -6.63 -2.18
N VAL A 262 23.67 -6.05 -1.50
CA VAL A 262 25.04 -6.56 -1.57
C VAL A 262 25.10 -7.98 -1.04
N ARG A 263 24.47 -8.22 0.12
CA ARG A 263 24.53 -9.54 0.73
C ARG A 263 23.84 -10.58 -0.15
N GLY A 264 22.69 -10.23 -0.71
CA GLY A 264 21.99 -11.17 -1.57
C GLY A 264 22.75 -11.47 -2.84
N LEU A 265 23.32 -10.45 -3.47
CA LEU A 265 24.07 -10.67 -4.70
C LEU A 265 25.31 -11.51 -4.44
N THR A 266 26.01 -11.26 -3.34
CA THR A 266 27.23 -12.02 -3.06
C THR A 266 26.95 -13.39 -2.45
N LEU A 267 25.70 -13.71 -2.16
CA LEU A 267 25.37 -15.02 -1.62
C LEU A 267 25.66 -16.10 -2.65
N PRO A 268 26.25 -17.23 -2.25
CA PRO A 268 26.43 -18.34 -3.20
C PRO A 268 25.10 -18.93 -3.61
N GLY A 269 25.02 -19.38 -4.85
CA GLY A 269 23.79 -19.93 -5.38
C GLY A 269 22.67 -18.92 -5.43
N ALA A 270 22.98 -17.69 -5.84
CA ALA A 270 21.98 -16.65 -6.01
C ALA A 270 21.56 -16.45 -7.46
N GLY A 271 22.28 -17.03 -8.41
CA GLY A 271 21.87 -16.92 -9.80
C GLY A 271 20.51 -17.53 -10.07
N ALA A 272 20.19 -18.63 -9.37
CA ALA A 272 18.86 -19.22 -9.50
C ALA A 272 17.78 -18.27 -9.02
N GLY A 273 18.05 -17.55 -7.92
CA GLY A 273 17.07 -16.60 -7.41
C GLY A 273 16.85 -15.43 -8.36
N ILE A 274 17.92 -14.91 -8.97
CA ILE A 274 17.82 -13.80 -9.89
C ILE A 274 17.12 -14.26 -11.16
N LYS A 275 17.38 -15.50 -11.58
CA LYS A 275 16.77 -16.06 -12.79
C LYS A 275 15.29 -16.35 -12.61
N PHE A 276 14.89 -16.82 -11.42
CA PHE A 276 13.48 -17.01 -11.13
C PHE A 276 12.74 -15.68 -11.08
N TYR A 277 13.43 -14.62 -10.68
CA TYR A 277 12.80 -13.32 -10.54
C TYR A 277 12.54 -12.67 -11.88
N LEU A 278 13.39 -12.93 -12.87
CA LEU A 278 13.36 -12.18 -14.13
C LEU A 278 12.57 -12.92 -15.23
N TYR A 279 12.96 -14.15 -15.53
CA TYR A 279 12.36 -14.85 -16.65
C TYR A 279 10.88 -15.12 -16.39
N PRO A 280 9.99 -14.70 -17.30
CA PRO A 280 8.56 -14.88 -17.05
C PRO A 280 8.00 -16.16 -17.63
N ASP A 281 6.73 -16.45 -17.34
CA ASP A 281 6.02 -17.63 -17.85
C ASP A 281 4.77 -17.15 -18.58
N ILE A 282 4.59 -17.61 -19.82
CA ILE A 282 3.44 -17.16 -20.61
C ILE A 282 2.14 -17.73 -20.04
N THR A 283 2.15 -19.01 -19.66
CA THR A 283 0.94 -19.63 -19.13
C THR A 283 0.47 -18.93 -17.87
N ARG A 284 1.40 -18.42 -17.07
CA ARG A 284 1.02 -17.65 -15.90
C ARG A 284 0.51 -16.26 -16.28
N LEU A 285 1.02 -15.71 -17.39
CA LEU A 285 0.46 -14.48 -17.93
C LEU A 285 -0.94 -14.66 -18.49
N GLU A 286 -1.33 -15.89 -18.82
CA GLU A 286 -2.68 -16.18 -19.25
C GLU A 286 -3.66 -16.33 -18.09
N ASP A 287 -3.18 -16.23 -16.85
CA ASP A 287 -4.00 -16.34 -15.67
C ASP A 287 -4.39 -14.95 -15.20
N PRO A 288 -5.69 -14.65 -15.08
CA PRO A 288 -6.09 -13.29 -14.67
C PRO A 288 -5.60 -12.89 -13.30
N GLN A 289 -5.25 -13.86 -12.46
CA GLN A 289 -4.80 -13.53 -11.10
C GLN A 289 -3.53 -12.70 -11.13
N VAL A 290 -2.59 -13.03 -12.02
CA VAL A 290 -1.36 -12.27 -12.11
C VAL A 290 -1.65 -10.83 -12.52
N TRP A 291 -2.52 -10.65 -13.51
CA TRP A 291 -2.85 -9.31 -13.97
C TRP A 291 -3.51 -8.48 -12.87
N ILE A 292 -4.50 -9.05 -12.17
CA ILE A 292 -5.16 -8.29 -11.13
C ILE A 292 -4.21 -7.99 -9.97
N ASP A 293 -3.37 -8.96 -9.58
CA ASP A 293 -2.43 -8.73 -8.48
C ASP A 293 -1.44 -7.62 -8.84
N ALA A 294 -0.88 -7.66 -10.05
CA ALA A 294 0.06 -6.63 -10.45
C ALA A 294 -0.60 -5.26 -10.57
N GLY A 295 -1.80 -5.22 -11.16
CA GLY A 295 -2.48 -3.95 -11.31
C GLY A 295 -2.81 -3.31 -9.97
N THR A 296 -3.26 -4.13 -9.02
CA THR A 296 -3.55 -3.60 -7.69
C THR A 296 -2.31 -3.30 -6.87
N GLN A 297 -1.20 -4.01 -7.11
CA GLN A 297 0.05 -3.66 -6.47
C GLN A 297 0.56 -2.31 -6.95
N ILE A 298 0.38 -2.03 -8.24
CA ILE A 298 0.79 -0.73 -8.76
C ILE A 298 0.03 0.40 -8.06
N PHE A 299 -1.28 0.21 -7.85
CA PHE A 299 -2.08 1.24 -7.20
C PHE A 299 -1.82 1.30 -5.70
N PHE A 300 -1.53 0.15 -5.08
CA PHE A 300 -1.22 0.14 -3.66
C PHE A 300 0.10 0.83 -3.36
N SER A 301 1.13 0.56 -4.17
CA SER A 301 2.45 1.12 -3.93
C SER A 301 2.46 2.63 -4.06
N TYR A 302 1.72 3.18 -5.02
CA TYR A 302 1.70 4.61 -5.26
C TYR A 302 0.68 5.34 -4.39
N ALA A 303 -0.03 4.63 -3.52
CA ALA A 303 -0.96 5.23 -2.56
C ALA A 303 -2.05 6.02 -3.26
N ILE A 304 -2.40 5.60 -4.47
CA ILE A 304 -3.46 6.26 -5.22
C ILE A 304 -4.78 5.55 -4.93
N CYS A 305 -5.88 6.24 -5.23
CA CYS A 305 -7.23 5.82 -4.90
C CYS A 305 -7.47 5.77 -3.39
N LEU A 306 -6.63 6.46 -2.61
CA LEU A 306 -6.71 6.47 -1.17
C LEU A 306 -7.15 7.80 -0.58
N GLY A 307 -7.04 8.89 -1.33
CA GLY A 307 -7.32 10.20 -0.81
C GLY A 307 -6.17 10.83 -0.05
N ALA A 308 -4.99 10.20 -0.07
CA ALA A 308 -3.83 10.71 0.64
C ALA A 308 -2.92 11.56 -0.25
N MET A 309 -2.67 11.10 -1.48
CA MET A 309 -1.81 11.86 -2.38
C MET A 309 -2.46 13.17 -2.78
N THR A 310 -3.78 13.18 -2.94
CA THR A 310 -4.48 14.42 -3.21
C THR A 310 -4.31 15.40 -2.06
N SER A 311 -4.42 14.90 -0.83
CA SER A 311 -4.21 15.77 0.34
C SER A 311 -2.77 16.30 0.38
N LEU A 312 -1.79 15.45 0.05
CA LEU A 312 -0.40 15.90 0.02
C LEU A 312 -0.20 16.99 -1.02
N GLY A 313 -0.79 16.82 -2.20
CA GLY A 313 -0.67 17.83 -3.24
C GLY A 313 -1.47 19.09 -2.99
N SER A 314 -2.48 19.02 -2.11
CA SER A 314 -3.29 20.19 -1.83
C SER A 314 -2.47 21.34 -1.25
N TYR A 315 -1.42 21.04 -0.51
CA TYR A 315 -0.60 22.08 0.10
C TYR A 315 0.48 22.62 -0.84
N ASN A 316 0.56 22.10 -2.06
CA ASN A 316 1.49 22.64 -3.04
C ASN A 316 1.11 24.06 -3.41
N LYS A 317 2.11 24.84 -3.83
CA LYS A 317 1.83 26.12 -4.45
C LYS A 317 1.11 25.90 -5.77
N TYR A 318 0.22 26.84 -6.11
CA TYR A 318 -0.52 26.71 -7.37
C TYR A 318 0.42 26.68 -8.57
N LYS A 319 1.40 27.59 -8.60
CA LYS A 319 2.36 27.67 -9.69
C LYS A 319 3.63 26.95 -9.23
N TYR A 320 3.70 25.65 -9.51
CA TYR A 320 4.79 24.82 -9.05
C TYR A 320 4.91 23.62 -9.97
N ASN A 321 6.09 23.43 -10.57
CA ASN A 321 6.29 22.40 -11.59
C ASN A 321 6.35 21.04 -10.90
N SER A 322 5.17 20.49 -10.63
CA SER A 322 5.06 19.21 -9.96
C SER A 322 5.16 18.02 -10.90
N TYR A 323 5.26 18.26 -12.21
CA TYR A 323 5.41 17.16 -13.15
C TYR A 323 6.75 16.44 -12.94
N ARG A 324 7.84 17.20 -12.92
CA ARG A 324 9.15 16.61 -12.67
C ARG A 324 9.24 16.01 -11.27
N ASP A 325 8.70 16.71 -10.27
CA ASP A 325 8.79 16.21 -8.90
C ASP A 325 7.89 15.01 -8.66
N CYS A 326 6.88 14.78 -9.51
CA CYS A 326 6.05 13.60 -9.40
C CYS A 326 6.52 12.46 -10.29
N MET A 327 7.32 12.75 -11.31
CA MET A 327 7.94 11.69 -12.11
C MET A 327 9.21 11.16 -11.50
N LEU A 328 10.07 12.03 -10.97
CA LEU A 328 11.29 11.54 -10.32
C LEU A 328 10.98 10.69 -9.10
N LEU A 329 10.01 11.12 -8.28
CA LEU A 329 9.63 10.33 -7.13
C LEU A 329 8.98 9.01 -7.52
N GLY A 330 8.15 9.01 -8.57
CA GLY A 330 7.58 7.76 -9.06
C GLY A 330 8.63 6.80 -9.56
N CYS A 331 9.63 7.31 -10.28
CA CYS A 331 10.76 6.49 -10.67
C CYS A 331 11.53 5.96 -9.47
N LEU A 332 11.69 6.78 -8.43
CA LEU A 332 12.34 6.31 -7.21
C LEU A 332 11.56 5.15 -6.57
N ASN A 333 10.23 5.28 -6.51
CA ASN A 333 9.41 4.24 -5.89
C ASN A 333 9.48 2.95 -6.70
N SER A 334 9.34 3.05 -8.03
CA SER A 334 9.43 1.87 -8.87
C SER A 334 10.81 1.23 -8.80
N GLY A 335 11.86 2.03 -8.78
CA GLY A 335 13.21 1.48 -8.64
C GLY A 335 13.42 0.80 -7.31
N THR A 336 12.87 1.39 -6.24
CA THR A 336 12.98 0.75 -4.92
C THR A 336 12.32 -0.62 -4.94
N SER A 337 11.09 -0.70 -5.47
CA SER A 337 10.41 -1.99 -5.54
C SER A 337 11.21 -3.00 -6.38
N PHE A 338 11.61 -2.59 -7.58
CA PHE A 338 12.29 -3.51 -8.49
C PHE A 338 13.63 -3.98 -7.93
N VAL A 339 14.39 -3.07 -7.32
CA VAL A 339 15.69 -3.43 -6.78
C VAL A 339 15.54 -4.31 -5.54
N SER A 340 14.61 -3.98 -4.65
CA SER A 340 14.36 -4.82 -3.49
C SER A 340 13.89 -6.21 -3.89
N GLY A 341 13.24 -6.33 -5.05
CA GLY A 341 12.94 -7.66 -5.56
C GLY A 341 14.19 -8.50 -5.74
N PHE A 342 15.27 -7.89 -6.25
CA PHE A 342 16.52 -8.62 -6.39
C PHE A 342 17.05 -9.09 -5.05
N ALA A 343 17.00 -8.21 -4.04
CA ALA A 343 17.49 -8.60 -2.71
C ALA A 343 16.69 -9.76 -2.15
N ILE A 344 15.37 -9.71 -2.26
CA ILE A 344 14.54 -10.79 -1.72
C ILE A 344 14.81 -12.09 -2.46
N PHE A 345 14.84 -12.03 -3.80
CA PHE A 345 14.90 -13.27 -4.57
C PHE A 345 16.29 -13.89 -4.59
N SER A 346 17.36 -13.11 -4.45
CA SER A 346 18.67 -13.73 -4.28
C SER A 346 18.74 -14.52 -2.98
N ILE A 347 18.19 -13.96 -1.90
CA ILE A 347 18.13 -14.68 -0.63
C ILE A 347 17.27 -15.94 -0.77
N LEU A 348 16.15 -15.84 -1.47
CA LEU A 348 15.31 -17.01 -1.70
C LEU A 348 16.06 -18.08 -2.49
N GLY A 349 16.83 -17.67 -3.49
CA GLY A 349 17.63 -18.62 -4.25
C GLY A 349 18.68 -19.31 -3.40
N PHE A 350 19.34 -18.56 -2.52
CA PHE A 350 20.30 -19.17 -1.60
C PHE A 350 19.62 -20.15 -0.66
N MET A 351 18.44 -19.78 -0.15
CA MET A 351 17.70 -20.69 0.72
C MET A 351 17.33 -21.97 0.00
N ALA A 352 16.85 -21.86 -1.25
CA ALA A 352 16.54 -23.04 -2.04
C ALA A 352 17.76 -23.89 -2.32
N GLN A 353 18.90 -23.26 -2.62
CA GLN A 353 20.12 -24.02 -2.89
C GLN A 353 20.57 -24.80 -1.66
N GLU A 354 20.55 -24.17 -0.49
CA GLU A 354 21.05 -24.84 0.70
C GLU A 354 20.07 -25.87 1.25
N GLN A 355 18.76 -25.61 1.14
CA GLN A 355 17.78 -26.55 1.65
C GLN A 355 17.49 -27.70 0.70
N GLY A 356 17.94 -27.61 -0.55
CA GLY A 356 17.69 -28.68 -1.50
C GLY A 356 16.27 -28.78 -2.00
N VAL A 357 15.49 -27.70 -1.92
CA VAL A 357 14.10 -27.71 -2.32
C VAL A 357 13.95 -26.79 -3.53
N ASP A 358 12.73 -26.73 -4.06
CA ASP A 358 12.44 -25.86 -5.19
C ASP A 358 12.54 -24.41 -4.78
N ILE A 359 12.80 -23.54 -5.77
CA ILE A 359 12.91 -22.11 -5.50
C ILE A 359 11.57 -21.54 -5.05
N ALA A 360 10.47 -22.14 -5.50
CA ALA A 360 9.14 -21.66 -5.17
C ALA A 360 8.51 -22.41 -4.00
N ASP A 361 9.23 -23.31 -3.35
CA ASP A 361 8.70 -24.09 -2.25
C ASP A 361 9.58 -24.02 -1.01
N VAL A 362 10.16 -22.85 -0.75
CA VAL A 362 11.04 -22.67 0.41
C VAL A 362 10.50 -21.67 1.41
N ALA A 363 9.42 -20.96 1.11
CA ALA A 363 8.90 -19.95 2.02
C ALA A 363 7.39 -19.88 1.85
N GLU A 364 6.79 -18.82 2.39
CA GLU A 364 5.34 -18.66 2.40
C GLU A 364 4.91 -17.80 1.21
N SER A 365 3.99 -18.33 0.41
CA SER A 365 3.49 -17.57 -0.73
C SER A 365 2.68 -16.36 -0.27
N GLY A 366 2.06 -16.44 0.90
CA GLY A 366 1.27 -15.34 1.41
C GLY A 366 2.15 -14.30 2.09
N PRO A 367 1.53 -13.44 2.91
CA PRO A 367 2.31 -12.42 3.62
C PRO A 367 3.32 -13.06 4.56
N GLY A 368 4.43 -12.37 4.77
CA GLY A 368 5.48 -12.87 5.62
C GLY A 368 6.69 -13.40 4.90
N LEU A 369 6.75 -13.27 3.57
CA LEU A 369 7.97 -13.64 2.85
C LEU A 369 9.14 -12.78 3.31
N ALA A 370 8.92 -11.49 3.50
CA ALA A 370 9.96 -10.62 4.03
C ALA A 370 10.34 -10.97 5.46
N PHE A 371 9.47 -11.70 6.17
CA PHE A 371 9.76 -12.16 7.52
C PHE A 371 10.35 -13.56 7.56
N ILE A 372 10.53 -14.21 6.41
CA ILE A 372 11.14 -15.52 6.34
C ILE A 372 12.45 -15.43 5.56
N ALA A 373 12.49 -14.52 4.60
CA ALA A 373 13.67 -14.39 3.73
C ALA A 373 14.74 -13.51 4.36
N TYR A 374 14.40 -12.27 4.67
CA TYR A 374 15.37 -11.35 5.25
C TYR A 374 15.95 -11.84 6.57
N PRO A 375 15.18 -12.37 7.53
CA PRO A 375 15.80 -12.94 8.73
C PRO A 375 16.77 -14.07 8.45
N LYS A 376 16.63 -14.78 7.33
CA LYS A 376 17.61 -15.81 6.99
C LYS A 376 18.93 -15.18 6.56
N ALA A 377 18.87 -14.18 5.68
CA ALA A 377 20.10 -13.53 5.24
C ALA A 377 20.75 -12.75 6.37
N VAL A 378 19.97 -12.31 7.35
CA VAL A 378 20.53 -11.60 8.49
C VAL A 378 21.51 -12.49 9.24
N THR A 379 21.16 -13.76 9.43
CA THR A 379 22.04 -14.69 10.13
C THR A 379 23.25 -15.09 9.32
N MET A 380 23.32 -14.73 8.03
CA MET A 380 24.46 -15.06 7.19
C MET A 380 25.54 -13.98 7.22
N MET A 381 25.30 -12.87 7.93
CA MET A 381 26.24 -11.77 8.00
C MET A 381 26.94 -11.74 9.35
N PRO A 382 28.18 -11.26 9.41
CA PRO A 382 28.87 -11.15 10.70
C PRO A 382 28.12 -10.24 11.64
N LEU A 383 28.12 -10.60 12.92
CA LEU A 383 27.32 -9.94 13.94
C LEU A 383 25.86 -9.93 13.51
N PRO A 384 25.19 -11.08 13.49
CA PRO A 384 23.80 -11.12 13.00
C PRO A 384 22.84 -10.27 13.81
N THR A 385 23.07 -10.11 15.11
CA THR A 385 22.16 -9.31 15.93
C THR A 385 22.15 -7.85 15.50
N PHE A 386 23.33 -7.29 15.23
CA PHE A 386 23.43 -5.91 14.81
C PHE A 386 22.66 -5.66 13.52
N TRP A 387 22.85 -6.51 12.52
CA TRP A 387 22.16 -6.33 11.25
C TRP A 387 20.68 -6.65 11.36
N SER A 388 20.29 -7.57 12.24
CA SER A 388 18.85 -7.79 12.47
C SER A 388 18.19 -6.55 13.03
N ILE A 389 18.82 -5.94 14.05
CA ILE A 389 18.27 -4.74 14.65
C ILE A 389 18.20 -3.63 13.60
N LEU A 390 19.26 -3.47 12.81
CA LEU A 390 19.25 -2.42 11.78
C LEU A 390 18.16 -2.67 10.75
N PHE A 391 17.99 -3.91 10.30
CA PHE A 391 16.99 -4.20 9.28
C PHE A 391 15.58 -3.96 9.80
N PHE A 392 15.32 -4.38 11.03
CA PHE A 392 13.97 -4.16 11.55
C PHE A 392 13.72 -2.70 11.93
N ILE A 393 14.75 -1.94 12.29
CA ILE A 393 14.59 -0.50 12.43
C ILE A 393 14.27 0.13 11.08
N MET A 394 14.93 -0.33 10.02
CA MET A 394 14.62 0.16 8.69
C MET A 394 13.17 -0.14 8.31
N LEU A 395 12.71 -1.36 8.57
CA LEU A 395 11.32 -1.71 8.29
C LEU A 395 10.35 -0.87 9.10
N LEU A 396 10.68 -0.64 10.37
CA LEU A 396 9.84 0.19 11.23
C LEU A 396 9.76 1.62 10.69
N LEU A 397 10.88 2.17 10.24
CA LEU A 397 10.85 3.52 9.67
C LEU A 397 10.01 3.57 8.40
N LEU A 398 10.25 2.62 7.49
CA LEU A 398 9.51 2.59 6.23
C LEU A 398 8.02 2.40 6.44
N GLY A 399 7.62 1.70 7.50
CA GLY A 399 6.21 1.55 7.77
C GLY A 399 5.61 2.73 8.50
N LEU A 400 6.34 3.28 9.46
CA LEU A 400 5.83 4.39 10.26
C LEU A 400 5.67 5.64 9.43
N ASP A 401 6.60 5.92 8.51
CA ASP A 401 6.46 7.11 7.68
C ASP A 401 5.21 7.02 6.82
N SER A 402 5.00 5.88 6.17
CA SER A 402 3.82 5.69 5.35
C SER A 402 2.55 5.76 6.19
N GLN A 403 2.56 5.17 7.38
CA GLN A 403 1.38 5.22 8.23
C GLN A 403 1.08 6.66 8.67
N PHE A 404 2.12 7.42 9.02
CA PHE A 404 1.92 8.83 9.36
C PHE A 404 1.26 9.56 8.20
N VAL A 405 1.78 9.38 6.99
CA VAL A 405 1.24 10.09 5.84
C VAL A 405 -0.22 9.69 5.60
N GLU A 406 -0.51 8.40 5.64
CA GLU A 406 -1.86 7.94 5.34
C GLU A 406 -2.87 8.39 6.39
N VAL A 407 -2.51 8.29 7.67
CA VAL A 407 -3.42 8.71 8.73
C VAL A 407 -3.60 10.23 8.71
N GLU A 408 -2.54 10.97 8.41
CA GLU A 408 -2.68 12.41 8.26
C GLU A 408 -3.63 12.76 7.13
N GLY A 409 -3.51 12.07 5.99
CA GLY A 409 -4.44 12.31 4.90
C GLY A 409 -5.88 12.00 5.28
N GLN A 410 -6.09 10.88 5.94
CA GLN A 410 -7.44 10.51 6.36
C GLN A 410 -8.02 11.52 7.33
N ILE A 411 -7.23 11.95 8.32
CA ILE A 411 -7.71 12.91 9.31
C ILE A 411 -8.00 14.25 8.67
N THR A 412 -7.13 14.70 7.76
CA THR A 412 -7.38 15.95 7.06
C THR A 412 -8.67 15.88 6.24
N SER A 413 -8.87 14.78 5.51
CA SER A 413 -10.07 14.63 4.70
C SER A 413 -11.32 14.62 5.57
N LEU A 414 -11.27 13.94 6.72
CA LEU A 414 -12.44 13.86 7.59
C LEU A 414 -12.72 15.20 8.27
N VAL A 415 -11.68 15.92 8.65
CA VAL A 415 -11.86 17.22 9.30
C VAL A 415 -12.42 18.24 8.31
N ASP A 416 -11.99 18.15 7.05
CA ASP A 416 -12.47 19.10 6.04
C ASP A 416 -13.99 19.04 5.90
N LEU A 417 -14.61 17.91 6.24
CA LEU A 417 -16.06 17.83 6.17
C LEU A 417 -16.74 18.76 7.16
N TYR A 418 -16.21 18.87 8.38
CA TYR A 418 -16.76 19.73 9.42
C TYR A 418 -15.64 20.55 10.04
N PRO A 419 -15.11 21.53 9.31
CA PRO A 419 -13.99 22.31 9.86
C PRO A 419 -14.34 23.09 11.12
N SER A 420 -15.58 23.56 11.25
CA SER A 420 -15.97 24.40 12.37
C SER A 420 -16.33 23.61 13.62
N PHE A 421 -16.42 22.28 13.53
CA PHE A 421 -16.77 21.46 14.69
C PHE A 421 -15.64 20.51 15.05
N LEU A 422 -15.04 19.87 14.04
CA LEU A 422 -14.03 18.85 14.26
C LEU A 422 -12.62 19.41 14.32
N ARG A 423 -12.46 20.73 14.20
CA ARG A 423 -11.13 21.34 14.29
C ARG A 423 -11.14 22.50 15.27
N LYS A 424 -12.30 23.13 15.44
CA LYS A 424 -12.40 24.28 16.33
C LYS A 424 -12.21 23.85 17.79
N GLY A 425 -11.70 24.78 18.59
CA GLY A 425 -11.43 24.49 19.98
C GLY A 425 -10.32 23.45 20.11
N TYR A 426 -10.61 22.36 20.82
CA TYR A 426 -9.67 21.28 21.03
C TYR A 426 -10.18 19.96 20.47
N ARG A 427 -11.23 19.99 19.63
CA ARG A 427 -11.88 18.76 19.21
C ARG A 427 -11.00 17.94 18.27
N ARG A 428 -10.00 18.57 17.65
CA ARG A 428 -9.14 17.86 16.71
C ARG A 428 -8.37 16.75 17.42
N GLU A 429 -7.82 17.05 18.59
CA GLU A 429 -7.09 16.04 19.36
C GLU A 429 -7.99 14.87 19.73
N ILE A 430 -9.20 15.18 20.20
CA ILE A 430 -10.13 14.13 20.61
C ILE A 430 -10.52 13.27 19.42
N PHE A 431 -10.76 13.89 18.26
CA PHE A 431 -11.13 13.13 17.08
C PHE A 431 -9.99 12.23 16.62
N ILE A 432 -8.76 12.74 16.65
CA ILE A 432 -7.61 11.91 16.27
C ILE A 432 -7.46 10.73 17.22
N ALA A 433 -7.62 10.99 18.53
CA ALA A 433 -7.53 9.91 19.51
C ALA A 433 -8.61 8.87 19.28
N PHE A 434 -9.84 9.33 18.99
CA PHE A 434 -10.94 8.40 18.75
C PHE A 434 -10.70 7.56 17.51
N VAL A 435 -10.22 8.19 16.42
CA VAL A 435 -9.94 7.45 15.20
C VAL A 435 -8.85 6.42 15.44
N CYS A 436 -7.77 6.80 16.12
CA CYS A 436 -6.70 5.85 16.43
C CYS A 436 -7.19 4.71 17.32
N SER A 437 -8.01 5.01 18.33
CA SER A 437 -8.51 3.95 19.20
C SER A 437 -9.42 2.99 18.46
N ILE A 438 -10.29 3.53 17.59
CA ILE A 438 -11.17 2.66 16.81
C ILE A 438 -10.36 1.80 15.85
N SER A 439 -9.36 2.39 15.19
CA SER A 439 -8.53 1.61 14.28
C SER A 439 -7.72 0.55 15.01
N TYR A 440 -7.33 0.83 16.26
CA TYR A 440 -6.62 -0.18 17.04
C TYR A 440 -7.54 -1.31 17.45
N LEU A 441 -8.72 -0.98 17.97
CA LEU A 441 -9.65 -2.02 18.42
C LEU A 441 -10.13 -2.88 17.26
N LEU A 442 -10.42 -2.27 16.12
CA LEU A 442 -10.79 -3.04 14.94
C LEU A 442 -9.61 -3.79 14.35
N GLY A 443 -8.38 -3.45 14.77
CA GLY A 443 -7.19 -4.13 14.29
C GLY A 443 -6.70 -5.27 15.16
N LEU A 444 -7.34 -5.48 16.31
CA LEU A 444 -6.95 -6.59 17.18
C LEU A 444 -7.46 -7.94 16.68
N THR A 445 -8.32 -7.96 15.68
CA THR A 445 -8.80 -9.23 15.12
C THR A 445 -7.72 -9.97 14.35
N MET A 446 -6.65 -9.29 13.95
CA MET A 446 -5.53 -9.92 13.27
C MET A 446 -4.38 -10.24 14.21
N VAL A 447 -4.53 -9.93 15.49
CA VAL A 447 -3.52 -10.25 16.49
C VAL A 447 -3.78 -11.60 17.14
N THR A 448 -5.03 -12.06 17.20
CA THR A 448 -5.34 -13.36 17.75
C THR A 448 -4.62 -14.46 16.97
N GLU A 449 -4.61 -15.67 17.54
CA GLU A 449 -3.84 -16.76 16.96
C GLU A 449 -4.32 -17.10 15.55
N GLY A 450 -5.63 -17.09 15.34
CA GLY A 450 -6.17 -17.35 14.02
C GLY A 450 -6.38 -16.09 13.21
N GLY A 451 -5.80 -14.99 13.68
CA GLY A 451 -5.97 -13.71 13.04
C GLY A 451 -5.18 -13.48 11.78
N MET A 452 -4.12 -14.26 11.55
CA MET A 452 -3.30 -14.07 10.35
C MET A 452 -4.15 -14.20 9.09
N TYR A 453 -5.03 -15.21 9.04
CA TYR A 453 -5.93 -15.35 7.91
C TYR A 453 -6.75 -14.09 7.70
N VAL A 454 -7.26 -13.51 8.79
CA VAL A 454 -8.01 -12.27 8.69
C VAL A 454 -7.15 -11.20 8.00
N PHE A 455 -5.88 -11.12 8.38
CA PHE A 455 -4.97 -10.18 7.72
C PHE A 455 -5.01 -10.36 6.21
N GLN A 456 -4.92 -11.60 5.74
CA GLN A 456 -4.96 -11.84 4.31
C GLN A 456 -6.30 -11.40 3.73
N LEU A 457 -7.40 -11.66 4.43
CA LEU A 457 -8.70 -11.18 3.96
C LEU A 457 -8.71 -9.67 3.82
N PHE A 458 -7.99 -8.98 4.70
CA PHE A 458 -7.87 -7.53 4.57
C PHE A 458 -6.88 -7.17 3.47
N ASP A 459 -5.83 -7.98 3.30
CA ASP A 459 -4.81 -7.64 2.32
C ASP A 459 -5.32 -7.84 0.89
N TYR A 460 -6.05 -8.92 0.65
CA TYR A 460 -6.49 -9.23 -0.71
C TYR A 460 -7.67 -8.37 -1.14
N TYR A 461 -8.58 -8.07 -0.23
CA TYR A 461 -9.84 -7.40 -0.59
C TYR A 461 -9.88 -5.94 -0.21
N ALA A 462 -9.62 -5.60 1.05
CA ALA A 462 -9.69 -4.21 1.50
C ALA A 462 -8.43 -3.46 1.10
N ALA A 463 -8.62 -2.25 0.58
CA ALA A 463 -7.51 -1.39 0.14
C ALA A 463 -6.64 -2.08 -0.91
N SER A 464 -7.25 -2.95 -1.70
CA SER A 464 -6.59 -3.66 -2.80
C SER A 464 -7.68 -4.31 -3.64
N GLY A 465 -7.27 -5.06 -4.64
CA GLY A 465 -8.25 -5.77 -5.45
C GLY A 465 -9.12 -4.81 -6.25
N VAL A 466 -10.29 -5.32 -6.63
CA VAL A 466 -11.20 -4.54 -7.47
C VAL A 466 -11.62 -3.24 -6.81
N CYS A 467 -11.61 -3.18 -5.48
CA CYS A 467 -11.96 -1.93 -4.79
C CYS A 467 -11.06 -0.79 -5.22
N LEU A 468 -9.79 -1.09 -5.51
CA LEU A 468 -8.93 -0.06 -6.10
C LEU A 468 -9.34 0.24 -7.54
N LEU A 469 -9.52 -0.82 -8.35
CA LEU A 469 -9.89 -0.61 -9.75
C LEU A 469 -11.16 0.21 -9.86
N TRP A 470 -12.16 -0.12 -9.05
CA TRP A 470 -13.42 0.62 -9.07
C TRP A 470 -13.19 2.10 -8.87
N VAL A 471 -12.28 2.47 -7.96
CA VAL A 471 -11.95 3.88 -7.82
C VAL A 471 -11.15 4.37 -9.01
N ALA A 472 -10.15 3.58 -9.43
CA ALA A 472 -9.23 4.05 -10.48
C ALA A 472 -9.96 4.27 -11.79
N PHE A 473 -10.95 3.44 -12.09
CA PHE A 473 -11.76 3.65 -13.28
C PHE A 473 -12.55 4.96 -13.18
N PHE A 474 -13.11 5.24 -12.01
CA PHE A 474 -13.98 6.39 -11.87
C PHE A 474 -13.21 7.71 -11.78
N GLU A 475 -12.05 7.71 -11.15
CA GLU A 475 -11.24 8.92 -11.10
C GLU A 475 -10.80 9.34 -12.50
N CYS A 476 -10.37 8.38 -13.32
CA CYS A 476 -9.93 8.68 -14.67
C CYS A 476 -11.09 8.94 -15.62
N PHE A 477 -12.22 8.26 -15.43
CA PHE A 477 -13.37 8.50 -16.29
C PHE A 477 -13.92 9.91 -16.09
N VAL A 478 -14.06 10.34 -14.84
CA VAL A 478 -14.62 11.66 -14.56
C VAL A 478 -13.71 12.76 -15.12
N ILE A 479 -12.40 12.62 -14.90
CA ILE A 479 -11.47 13.65 -15.32
C ILE A 479 -11.40 13.73 -16.85
N ALA A 480 -11.24 12.57 -17.50
CA ALA A 480 -10.97 12.57 -18.94
C ALA A 480 -12.21 12.90 -19.75
N TRP A 481 -13.35 12.33 -19.39
CA TRP A 481 -14.56 12.43 -20.21
C TRP A 481 -15.53 13.48 -19.68
N ILE A 482 -15.98 13.34 -18.43
CA ILE A 482 -16.97 14.28 -17.89
C ILE A 482 -16.35 15.65 -17.70
N TYR A 483 -15.17 15.71 -17.09
CA TYR A 483 -14.51 17.01 -16.86
C TYR A 483 -13.84 17.50 -18.14
N GLY A 484 -13.09 16.64 -18.81
CA GLY A 484 -12.40 17.03 -20.02
C GLY A 484 -10.90 17.03 -19.87
N GLY A 485 -10.21 16.25 -20.70
CA GLY A 485 -8.76 16.21 -20.62
C GLY A 485 -8.13 17.53 -21.01
N ASP A 486 -8.70 18.22 -22.00
CA ASP A 486 -8.13 19.48 -22.46
C ASP A 486 -8.24 20.56 -21.40
N ASN A 487 -9.35 20.59 -20.66
CA ASN A 487 -9.50 21.58 -19.60
C ASN A 487 -8.47 21.37 -18.50
N LEU A 488 -8.26 20.11 -18.10
CA LEU A 488 -7.24 19.83 -17.10
C LEU A 488 -5.85 20.12 -17.64
N TYR A 489 -5.62 19.89 -18.93
CA TYR A 489 -4.32 20.25 -19.52
C TYR A 489 -4.11 21.76 -19.48
N ASP A 490 -5.16 22.54 -19.73
CA ASP A 490 -5.06 23.98 -19.61
C ASP A 490 -4.74 24.39 -18.18
N GLY A 491 -5.39 23.75 -17.21
CA GLY A 491 -5.07 24.02 -15.81
C GLY A 491 -3.63 23.69 -15.48
N ILE A 492 -3.13 22.55 -15.97
CA ILE A 492 -1.75 22.17 -15.72
C ILE A 492 -0.78 23.12 -16.41
N GLU A 493 -1.13 23.59 -17.61
CA GLU A 493 -0.30 24.59 -18.28
C GLU A 493 -0.23 25.88 -17.48
N ASP A 494 -1.36 26.29 -16.90
CA ASP A 494 -1.35 27.47 -16.03
C ASP A 494 -0.52 27.24 -14.79
N MET A 495 -0.56 26.03 -14.22
CA MET A 495 0.13 25.79 -12.96
C MET A 495 1.63 25.58 -13.16
N ILE A 496 2.02 24.53 -13.88
CA ILE A 496 3.43 24.16 -14.00
C ILE A 496 4.17 24.99 -15.05
N GLY A 497 3.46 25.79 -15.84
CA GLY A 497 4.09 26.71 -16.75
C GLY A 497 4.13 26.28 -18.21
N TYR A 498 3.95 24.99 -18.50
CA TYR A 498 3.96 24.52 -19.88
C TYR A 498 2.99 23.37 -20.02
N ARG A 499 2.35 23.29 -21.18
CA ARG A 499 1.38 22.24 -21.42
C ARG A 499 2.09 20.91 -21.62
N PRO A 500 1.76 19.87 -20.84
CA PRO A 500 2.48 18.59 -20.97
C PRO A 500 2.23 17.89 -22.29
N GLY A 501 2.86 16.73 -22.48
CA GLY A 501 2.67 15.94 -23.68
C GLY A 501 1.39 15.16 -23.62
N PRO A 502 1.12 14.42 -24.71
CA PRO A 502 -0.11 13.64 -24.79
C PRO A 502 -0.12 12.36 -23.96
N TRP A 503 0.91 12.12 -23.16
CA TRP A 503 0.96 10.89 -22.37
C TRP A 503 -0.15 10.88 -21.31
N MET A 504 -0.26 11.94 -20.53
CA MET A 504 -1.24 11.97 -19.44
C MET A 504 -2.66 11.88 -19.97
N LYS A 505 -2.97 12.61 -21.04
CA LYS A 505 -4.33 12.63 -21.55
C LYS A 505 -4.77 11.26 -22.03
N TYR A 506 -3.92 10.59 -22.81
CA TYR A 506 -4.26 9.25 -23.30
C TYR A 506 -4.30 8.24 -22.17
N SER A 507 -3.40 8.38 -21.18
CA SER A 507 -3.41 7.46 -20.05
C SER A 507 -4.69 7.58 -19.24
N TRP A 508 -5.16 8.81 -19.02
CA TRP A 508 -6.41 9.00 -18.30
C TRP A 508 -7.61 8.56 -19.12
N ALA A 509 -7.61 8.83 -20.43
CA ALA A 509 -8.80 8.64 -21.24
C ALA A 509 -8.97 7.18 -21.70
N VAL A 510 -7.93 6.58 -22.25
CA VAL A 510 -8.01 5.30 -22.93
C VAL A 510 -7.37 4.19 -22.11
N ILE A 511 -6.11 4.36 -21.71
CA ILE A 511 -5.34 3.25 -21.18
C ILE A 511 -5.89 2.78 -19.84
N THR A 512 -5.99 3.69 -18.86
CA THR A 512 -6.36 3.27 -17.51
C THR A 512 -7.77 2.69 -17.42
N PRO A 513 -8.81 3.33 -17.97
CA PRO A 513 -10.14 2.68 -17.90
C PRO A 513 -10.19 1.32 -18.57
N VAL A 514 -9.51 1.18 -19.71
CA VAL A 514 -9.51 -0.11 -20.41
C VAL A 514 -8.81 -1.18 -19.57
N LEU A 515 -7.67 -0.84 -18.98
CA LEU A 515 -6.96 -1.80 -18.13
C LEU A 515 -7.82 -2.20 -16.94
N CYS A 516 -8.45 -1.23 -16.28
CA CYS A 516 -9.26 -1.54 -15.11
C CYS A 516 -10.44 -2.41 -15.46
N VAL A 517 -11.18 -2.06 -16.52
CA VAL A 517 -12.34 -2.87 -16.89
C VAL A 517 -11.94 -4.24 -17.39
N GLY A 518 -10.82 -4.36 -18.12
CA GLY A 518 -10.36 -5.66 -18.54
C GLY A 518 -9.97 -6.55 -17.38
N CYS A 519 -9.27 -6.00 -16.39
CA CYS A 519 -8.95 -6.79 -15.21
C CYS A 519 -10.20 -7.18 -14.44
N PHE A 520 -11.17 -6.28 -14.31
CA PHE A 520 -12.41 -6.63 -13.63
C PHE A 520 -13.14 -7.76 -14.35
N ILE A 521 -13.25 -7.66 -15.68
CA ILE A 521 -13.94 -8.70 -16.44
C ILE A 521 -13.19 -10.03 -16.35
N PHE A 522 -11.87 -9.99 -16.45
CA PHE A 522 -11.09 -11.22 -16.37
C PHE A 522 -11.22 -11.87 -15.00
N SER A 523 -11.19 -11.07 -13.94
CA SER A 523 -11.34 -11.62 -12.59
C SER A 523 -12.73 -12.23 -12.40
N LEU A 524 -13.77 -11.57 -12.93
CA LEU A 524 -15.11 -12.10 -12.78
C LEU A 524 -15.33 -13.37 -13.61
N VAL A 525 -14.82 -13.42 -14.83
CA VAL A 525 -15.05 -14.57 -15.70
C VAL A 525 -14.37 -15.81 -15.13
N LYS A 526 -13.11 -15.70 -14.76
CA LYS A 526 -12.32 -16.80 -14.22
C LYS A 526 -12.04 -16.48 -12.76
N TYR A 527 -12.91 -16.95 -11.87
CA TYR A 527 -12.80 -16.64 -10.45
C TYR A 527 -11.94 -17.68 -9.76
N VAL A 528 -10.85 -17.23 -9.15
CA VAL A 528 -9.97 -18.07 -8.35
C VAL A 528 -10.15 -17.68 -6.88
N PRO A 529 -10.77 -18.52 -6.06
CA PRO A 529 -11.00 -18.14 -4.66
C PRO A 529 -9.71 -17.91 -3.90
N LEU A 530 -9.76 -16.96 -2.97
CA LEU A 530 -8.59 -16.62 -2.17
C LEU A 530 -8.17 -17.83 -1.32
N THR A 531 -6.88 -18.12 -1.33
CA THR A 531 -6.30 -19.21 -0.55
C THR A 531 -5.06 -18.72 0.17
N TYR A 532 -4.88 -19.17 1.41
CA TYR A 532 -3.72 -18.79 2.20
C TYR A 532 -2.63 -19.84 2.04
N ASN A 533 -1.48 -19.42 1.52
CA ASN A 533 -0.31 -20.29 1.32
C ASN A 533 -0.64 -21.50 0.45
N LYS A 534 -1.52 -21.30 -0.53
CA LYS A 534 -1.87 -22.29 -1.55
C LYS A 534 -2.49 -23.56 -0.97
N THR A 535 -2.79 -23.60 0.32
CA THR A 535 -3.36 -24.79 0.94
C THR A 535 -4.65 -24.53 1.67
N TYR A 536 -4.78 -23.40 2.37
CA TYR A 536 -5.99 -23.13 3.14
C TYR A 536 -7.12 -22.67 2.22
N VAL A 537 -8.32 -23.12 2.54
CA VAL A 537 -9.53 -22.77 1.80
C VAL A 537 -10.43 -22.00 2.75
N TYR A 538 -10.64 -20.72 2.47
CA TYR A 538 -11.47 -19.89 3.33
C TYR A 538 -12.92 -20.37 3.26
N PRO A 539 -13.65 -20.32 4.38
CA PRO A 539 -15.07 -20.70 4.36
C PRO A 539 -15.90 -19.70 3.56
N ASN A 540 -17.20 -19.97 3.49
CA ASN A 540 -18.11 -19.09 2.79
C ASN A 540 -18.13 -17.71 3.44
N TRP A 541 -18.21 -17.66 4.78
CA TRP A 541 -18.35 -16.37 5.45
C TRP A 541 -17.07 -15.54 5.34
N ALA A 542 -15.92 -16.18 5.19
CA ALA A 542 -14.68 -15.42 5.02
C ALA A 542 -14.67 -14.68 3.68
N ILE A 543 -15.04 -15.37 2.60
CA ILE A 543 -15.14 -14.72 1.30
C ILE A 543 -16.25 -13.68 1.32
N GLY A 544 -17.35 -13.95 2.03
CA GLY A 544 -18.37 -12.94 2.18
C GLY A 544 -17.88 -11.69 2.88
N LEU A 545 -17.06 -11.87 3.93
CA LEU A 545 -16.49 -10.73 4.63
C LEU A 545 -15.54 -9.95 3.74
N GLY A 546 -14.74 -10.65 2.94
CA GLY A 546 -13.87 -9.96 2.00
C GLY A 546 -14.65 -9.17 0.96
N TRP A 547 -15.71 -9.76 0.43
CA TRP A 547 -16.58 -9.05 -0.51
C TRP A 547 -17.23 -7.84 0.15
N SER A 548 -17.64 -7.99 1.42
CA SER A 548 -18.23 -6.85 2.13
C SER A 548 -17.22 -5.74 2.33
N LEU A 549 -15.97 -6.09 2.66
CA LEU A 549 -14.93 -5.08 2.81
C LEU A 549 -14.69 -4.34 1.50
N ALA A 550 -14.65 -5.07 0.38
CA ALA A 550 -14.48 -4.41 -0.91
C ALA A 550 -15.69 -3.53 -1.24
N LEU A 551 -16.89 -4.05 -1.03
CA LEU A 551 -18.09 -3.32 -1.44
C LEU A 551 -18.35 -2.10 -0.56
N SER A 552 -17.87 -2.11 0.68
CA SER A 552 -18.05 -0.94 1.54
C SER A 552 -17.47 0.30 0.90
N SER A 553 -16.33 0.17 0.22
CA SER A 553 -15.74 1.30 -0.48
C SER A 553 -16.28 1.40 -1.92
N MET A 554 -16.56 0.26 -2.55
CA MET A 554 -17.00 0.29 -3.94
C MET A 554 -18.36 0.97 -4.09
N LEU A 555 -19.27 0.73 -3.16
CA LEU A 555 -20.65 1.19 -3.29
C LEU A 555 -20.82 2.65 -2.88
N CYS A 556 -19.75 3.27 -2.39
CA CYS A 556 -19.84 4.69 -2.07
C CYS A 556 -20.04 5.55 -3.32
N VAL A 557 -19.45 5.16 -4.44
CA VAL A 557 -19.58 5.96 -5.67
C VAL A 557 -21.02 6.03 -6.17
N PRO A 558 -21.76 4.91 -6.31
CA PRO A 558 -23.14 5.04 -6.80
C PRO A 558 -24.12 5.52 -5.73
N LEU A 559 -23.84 5.22 -4.47
CA LEU A 559 -24.71 5.66 -3.38
C LEU A 559 -24.75 7.18 -3.31
N VAL A 560 -23.59 7.83 -3.39
CA VAL A 560 -23.54 9.28 -3.35
C VAL A 560 -24.18 9.87 -4.60
N ILE A 561 -24.03 9.20 -5.74
CA ILE A 561 -24.70 9.66 -6.96
C ILE A 561 -26.21 9.66 -6.75
N VAL A 562 -26.74 8.59 -6.17
CA VAL A 562 -28.17 8.51 -5.90
C VAL A 562 -28.60 9.59 -4.92
N ILE A 563 -27.79 9.82 -3.88
CA ILE A 563 -28.11 10.83 -2.88
C ILE A 563 -28.18 12.21 -3.53
N ARG A 564 -27.18 12.53 -4.37
CA ARG A 564 -27.15 13.83 -5.03
C ARG A 564 -28.34 13.97 -5.98
N LEU A 565 -28.67 12.93 -6.73
CA LEU A 565 -29.78 13.01 -7.67
C LEU A 565 -31.10 13.22 -6.93
N CYS A 566 -31.29 12.52 -5.81
CA CYS A 566 -32.53 12.66 -5.05
C CYS A 566 -32.62 14.04 -4.41
N GLN A 567 -31.50 14.54 -3.86
CA GLN A 567 -31.51 15.83 -3.19
C GLN A 567 -31.81 16.96 -4.17
N THR A 568 -31.20 16.92 -5.35
CA THR A 568 -31.44 17.95 -6.34
C THR A 568 -32.85 17.83 -6.91
N GLU A 569 -33.48 18.98 -7.15
CA GLU A 569 -34.85 19.05 -7.62
C GLU A 569 -34.86 19.34 -9.12
N GLY A 570 -36.05 19.53 -9.66
CA GLY A 570 -36.23 19.78 -11.07
C GLY A 570 -36.19 18.49 -11.87
N PRO A 571 -36.32 18.61 -13.20
CA PRO A 571 -36.24 17.42 -14.05
C PRO A 571 -34.90 16.71 -13.93
N PHE A 572 -34.88 15.41 -14.26
CA PHE A 572 -33.66 14.63 -14.11
C PHE A 572 -32.52 15.19 -14.95
N LEU A 573 -32.81 15.62 -16.18
CA LEU A 573 -31.78 16.17 -17.04
C LEU A 573 -31.18 17.43 -16.45
N VAL A 574 -32.04 18.30 -15.89
CA VAL A 574 -31.55 19.54 -15.28
C VAL A 574 -30.66 19.22 -14.09
N ARG A 575 -31.09 18.27 -13.26
CA ARG A 575 -30.30 17.89 -12.10
C ARG A 575 -28.94 17.32 -12.51
N VAL A 576 -28.92 16.48 -13.55
CA VAL A 576 -27.67 15.91 -14.03
C VAL A 576 -26.75 17.01 -14.55
N LYS A 577 -27.31 17.95 -15.32
CA LYS A 577 -26.51 19.05 -15.84
C LYS A 577 -25.93 19.89 -14.71
N TYR A 578 -26.74 20.16 -13.68
CA TYR A 578 -26.27 20.94 -12.54
C TYR A 578 -25.16 20.19 -11.79
N LEU A 579 -25.33 18.90 -11.58
CA LEU A 579 -24.36 18.13 -10.80
C LEU A 579 -23.11 17.78 -11.59
N LEU A 580 -23.12 17.90 -12.92
CA LEU A 580 -21.95 17.60 -13.72
C LEU A 580 -21.13 18.84 -14.05
N THR A 581 -21.50 20.00 -13.51
CA THR A 581 -20.79 21.24 -13.79
C THR A 581 -19.88 21.59 -12.62
N PRO A 582 -18.57 21.63 -12.81
CA PRO A 582 -17.67 22.01 -11.71
C PRO A 582 -17.93 23.44 -11.25
N ARG A 583 -18.07 23.61 -9.94
CA ARG A 583 -18.40 24.90 -9.34
C ARG A 583 -17.11 25.54 -8.84
N GLU A 584 -16.47 26.33 -9.71
CA GLU A 584 -15.23 27.05 -9.38
C GLU A 584 -14.19 26.10 -8.81
N PRO A 585 -13.59 25.24 -9.64
CA PRO A 585 -12.67 24.23 -9.10
C PRO A 585 -11.47 24.80 -8.38
N ASN A 586 -11.01 26.00 -8.75
CA ASN A 586 -9.85 26.63 -8.13
C ASN A 586 -10.16 28.03 -7.67
N ARG A 587 -11.33 28.23 -7.04
CA ARG A 587 -11.72 29.55 -6.58
C ARG A 587 -10.74 30.10 -5.57
N TRP A 588 -10.34 29.27 -4.61
CA TRP A 588 -9.34 29.70 -3.62
C TRP A 588 -8.02 30.04 -4.28
N ALA A 589 -7.58 29.21 -5.24
CA ALA A 589 -6.36 29.50 -5.96
C ALA A 589 -6.49 30.77 -6.78
N VAL A 590 -7.65 30.99 -7.41
CA VAL A 590 -7.85 32.17 -8.24
C VAL A 590 -7.79 33.44 -7.40
N GLU A 591 -8.45 33.44 -6.24
CA GLU A 591 -8.48 34.65 -5.45
C GLU A 591 -7.17 34.88 -4.69
N ARG A 592 -6.61 33.82 -4.10
CA ARG A 592 -5.41 33.99 -3.28
C ARG A 592 -4.20 34.35 -4.13
N GLU A 593 -3.96 33.59 -5.20
CA GLU A 593 -2.82 33.76 -6.08
C GLU A 593 -3.28 34.47 -7.35
N GLY A 594 -2.39 34.59 -8.33
CA GLY A 594 -2.76 35.17 -9.61
C GLY A 594 -3.21 34.12 -10.59
N ALA A 595 -3.92 33.11 -10.10
CA ALA A 595 -4.37 32.02 -10.95
C ALA A 595 -5.43 32.50 -11.93
N THR A 596 -5.41 31.92 -13.12
CA THR A 596 -6.42 32.23 -14.13
C THR A 596 -7.71 31.45 -13.86
N PRO A 597 -8.87 32.04 -14.12
CA PRO A 597 -10.12 31.34 -13.84
C PRO A 597 -10.29 30.13 -14.74
N TYR A 598 -10.98 29.12 -14.22
CA TYR A 598 -11.26 27.91 -14.99
C TYR A 598 -12.15 28.23 -16.19
N ASN A 599 -11.75 27.72 -17.35
CA ASN A 599 -12.52 27.89 -18.59
C ASN A 599 -12.78 29.37 -18.89
C1 TAU B . 0.37 2.48 1.22
C2 TAU B . 1.80 2.92 1.50
N1 TAU B . -0.03 2.65 -0.16
S TAU B . 3.00 2.05 0.53
O1 TAU B . 2.76 0.65 0.75
O2 TAU B . 2.64 2.43 -0.92
O3 TAU B . 4.28 2.59 0.88
CL CL C . 5.71 -1.48 -6.39
NA NA D . 4.89 2.01 -2.41
#